data_5VD6
#
_entry.id   5VD6
#
_cell.length_a   57.088
_cell.length_b   76.151
_cell.length_c   38.980
_cell.angle_alpha   90.000
_cell.angle_beta   90.000
_cell.angle_gamma   90.000
#
_symmetry.space_group_name_H-M   'P 21 21 2'
#
loop_
_entity.id
_entity.type
_entity.pdbx_description
1 polymer 'acetyltransferase PA4794'
2 non-polymer 'SULFATE ION'
3 non-polymer '(3R,5S,9R,23S)-1-[(2R,3S,4R,5R)-5-(6-amino-9H-purin-9-yl)-4-hydroxy-3-(phosphonooxy)tetrahydrofuran-2-yl]-3,5,9-trihydroxy-8,8-dimethyl-10,14-dioxo-23-({[(phenylacetyl)amino]acetyl}amino)-2,4,6-trioxa-18-thia-11,15-diaza-3,5-diphosphatetracosan-24-oic acid 3,5-dioxide (non-preferred name)'
4 water water
#
_entity_poly.entity_id   1
_entity_poly.type   'polypeptide(L)'
_entity_poly.pdbx_seq_one_letter_code
;GHMQLSHRPAETGDLETVAGFPQDRDELFYCYPKAIWPFSVAQLAAAIAERRGSTVAVHDGQVLGFANFYQWQHGDFCAL
GNMMVAPAARGLGVARYLIGVMENLAREQYKARLMKISCFNANAAGLLLYTQLGYQPRAIAERHDPDGRRVALIQMDKPL
EP
;
_entity_poly.pdbx_strand_id   A
#
loop_
_chem_comp.id
_chem_comp.type
_chem_comp.name
_chem_comp.formula
93P non-polymer '(3R,5S,9R,23S)-1-[(2R,3S,4R,5R)-5-(6-amino-9H-purin-9-yl)-4-hydroxy-3-(phosphonooxy)tetrahydrofuran-2-yl]-3,5,9-trihydroxy-8,8-dimethyl-10,14-dioxo-23-({[(phenylacetyl)amino]acetyl}amino)-2,4,6-trioxa-18-thia-11,15-diaza-3,5-diphosphatetracosan-24-oic acid 3,5-dioxide (non-preferred name)' 'C37 H56 N9 O20 P3 S'
SO4 non-polymer 'SULFATE ION' 'O4 S -2'
#
# COMPACT_ATOMS: atom_id res chain seq x y z
N MET A 3 15.38 8.33 8.82
CA MET A 3 15.82 7.49 9.97
C MET A 3 16.11 6.05 9.55
N GLN A 4 16.71 5.29 10.46
CA GLN A 4 17.16 3.93 10.18
C GLN A 4 15.94 3.02 9.91
N LEU A 5 15.90 2.38 8.74
CA LEU A 5 14.81 1.46 8.36
C LEU A 5 15.36 0.18 7.75
N SER A 6 14.72 -0.95 8.09
CA SER A 6 14.96 -2.26 7.48
C SER A 6 13.65 -2.82 6.99
N HIS A 7 13.72 -3.89 6.21
CA HIS A 7 12.53 -4.55 5.73
C HIS A 7 12.67 -6.06 5.74
N ARG A 8 11.54 -6.75 5.83
CA ARG A 8 11.48 -8.20 5.74
C ARG A 8 10.08 -8.60 5.37
N PRO A 9 9.89 -9.84 4.93
CA PRO A 9 8.53 -10.32 4.72
C PRO A 9 7.68 -10.23 5.98
N ALA A 10 6.40 -9.91 5.81
CA ALA A 10 5.47 -9.91 6.92
C ALA A 10 5.36 -11.30 7.53
N GLU A 11 5.18 -11.32 8.85
CA GLU A 11 5.05 -12.55 9.64
C GLU A 11 3.76 -12.49 10.44
N THR A 12 3.31 -13.66 10.91
CA THR A 12 2.08 -13.74 11.72
C THR A 12 2.09 -12.79 12.90
N GLY A 13 3.22 -12.66 13.59
CA GLY A 13 3.28 -11.78 14.74
C GLY A 13 3.11 -10.31 14.42
N ASP A 14 3.30 -9.93 13.15
CA ASP A 14 3.11 -8.55 12.73
C ASP A 14 1.63 -8.19 12.53
N LEU A 15 0.75 -9.18 12.40
CA LEU A 15 -0.63 -8.92 11.97
C LEU A 15 -1.37 -7.98 12.89
N GLU A 16 -1.30 -8.16 14.20
N GLU A 16 -1.27 -8.17 14.20
CA GLU A 16 -2.11 -7.32 15.09
CA GLU A 16 -1.99 -7.36 15.18
C GLU A 16 -1.68 -5.84 15.00
C GLU A 16 -1.64 -5.88 15.03
N THR A 17 -0.37 -5.59 14.90
N THR A 17 -0.35 -5.59 14.90
CA THR A 17 0.13 -4.23 14.81
CA THR A 17 0.08 -4.19 14.83
C THR A 17 -0.33 -3.59 13.50
C THR A 17 -0.32 -3.58 13.50
N VAL A 18 -0.10 -4.29 12.39
CA VAL A 18 -0.44 -3.77 11.07
C VAL A 18 -1.94 -3.52 10.94
N ALA A 19 -2.75 -4.47 11.43
CA ALA A 19 -4.20 -4.30 11.34
C ALA A 19 -4.70 -3.11 12.14
N GLY A 20 -3.89 -2.64 13.09
CA GLY A 20 -4.15 -1.42 13.81
C GLY A 20 -3.80 -0.12 13.13
N PHE A 21 -3.15 -0.15 11.96
CA PHE A 21 -2.70 1.08 11.34
C PHE A 21 -3.85 1.98 10.82
N PRO A 22 -4.85 1.45 10.11
CA PRO A 22 -5.90 2.35 9.60
C PRO A 22 -6.72 2.90 10.78
N GLN A 23 -6.87 4.23 10.83
CA GLN A 23 -7.46 4.87 12.02
C GLN A 23 -8.94 5.11 11.97
N ASP A 24 -9.55 5.02 10.82
CA ASP A 24 -10.98 5.21 10.66
C ASP A 24 -11.41 4.56 9.36
N ARG A 25 -12.72 4.55 9.13
N ARG A 25 -12.72 4.55 9.14
CA ARG A 25 -13.28 3.91 7.94
CA ARG A 25 -13.33 3.94 7.97
C ARG A 25 -12.71 4.45 6.65
C ARG A 25 -12.74 4.45 6.66
N ASP A 26 -12.45 5.76 6.62
CA ASP A 26 -11.86 6.39 5.41
C ASP A 26 -10.46 5.87 5.15
N GLU A 27 -9.61 5.86 6.16
CA GLU A 27 -8.25 5.36 5.95
C GLU A 27 -8.27 3.91 5.50
N LEU A 28 -9.15 3.08 6.07
CA LEU A 28 -9.23 1.70 5.66
C LEU A 28 -9.67 1.63 4.18
N PHE A 29 -10.68 2.43 3.83
CA PHE A 29 -11.13 2.46 2.44
C PHE A 29 -9.99 2.86 1.49
N TYR A 30 -9.17 3.84 1.90
CA TYR A 30 -8.08 4.31 1.04
C TYR A 30 -7.03 3.29 0.77
N CYS A 31 -6.70 2.43 1.74
CA CYS A 31 -5.62 1.45 1.55
C CYS A 31 -6.12 0.05 1.24
N TYR A 32 -7.43 -0.20 1.39
CA TYR A 32 -7.97 -1.53 1.18
C TYR A 32 -9.47 -1.41 0.92
N PRO A 33 -9.87 -0.92 -0.27
CA PRO A 33 -11.28 -0.56 -0.45
C PRO A 33 -12.26 -1.71 -0.38
N LYS A 34 -11.82 -2.95 -0.59
CA LYS A 34 -12.70 -4.12 -0.45
C LYS A 34 -12.89 -4.58 0.99
N ALA A 35 -12.06 -4.11 1.91
CA ALA A 35 -12.22 -4.47 3.32
C ALA A 35 -13.45 -3.81 3.93
N ILE A 36 -13.83 -4.30 5.11
N ILE A 36 -13.87 -4.31 5.08
CA ILE A 36 -14.98 -3.78 5.84
CA ILE A 36 -15.00 -3.74 5.81
C ILE A 36 -14.50 -3.35 7.21
C ILE A 36 -14.52 -3.35 7.20
N TRP A 37 -14.89 -2.15 7.63
CA TRP A 37 -14.58 -1.65 8.95
C TRP A 37 -15.41 -2.37 10.02
N PRO A 38 -14.84 -2.79 11.14
CA PRO A 38 -13.44 -2.57 11.54
C PRO A 38 -12.50 -3.59 10.91
N PHE A 39 -11.27 -3.14 10.68
CA PHE A 39 -10.27 -4.02 10.13
C PHE A 39 -9.91 -5.02 11.21
N SER A 40 -9.39 -6.14 10.80
CA SER A 40 -9.11 -7.25 11.69
C SER A 40 -7.96 -8.04 11.16
N VAL A 41 -7.35 -8.81 12.04
N VAL A 41 -7.35 -8.81 12.04
CA VAL A 41 -6.26 -9.67 11.62
CA VAL A 41 -6.26 -9.69 11.63
C VAL A 41 -6.72 -10.71 10.59
C VAL A 41 -6.72 -10.71 10.59
N ALA A 42 -7.95 -11.22 10.71
CA ALA A 42 -8.45 -12.17 9.71
C ALA A 42 -8.51 -11.54 8.31
N GLN A 43 -8.99 -10.31 8.24
CA GLN A 43 -9.05 -9.65 6.93
C GLN A 43 -7.65 -9.39 6.38
N LEU A 44 -6.72 -9.01 7.25
CA LEU A 44 -5.36 -8.78 6.81
C LEU A 44 -4.67 -10.07 6.33
N ALA A 45 -4.84 -11.15 7.10
CA ALA A 45 -4.26 -12.44 6.74
C ALA A 45 -4.84 -12.94 5.42
N ALA A 46 -6.13 -12.72 5.18
CA ALA A 46 -6.73 -13.14 3.92
C ALA A 46 -6.15 -12.35 2.75
N ALA A 47 -5.92 -11.04 2.93
CA ALA A 47 -5.29 -10.25 1.87
C ALA A 47 -3.88 -10.76 1.59
N ILE A 48 -3.09 -11.01 2.62
CA ILE A 48 -1.74 -11.51 2.45
C ILE A 48 -1.74 -12.84 1.66
N ALA A 49 -2.66 -13.74 1.99
CA ALA A 49 -2.69 -15.05 1.39
C ALA A 49 -3.04 -14.95 -0.10
N GLU A 50 -3.89 -14.00 -0.49
CA GLU A 50 -4.27 -13.91 -1.89
C GLU A 50 -3.42 -12.94 -2.71
N ARG A 51 -2.49 -12.23 -2.08
CA ARG A 51 -1.62 -11.29 -2.77
C ARG A 51 -0.19 -11.80 -2.81
N ARG A 52 0.75 -10.93 -3.17
CA ARG A 52 2.15 -11.27 -3.22
C ARG A 52 2.96 -10.18 -2.58
N GLY A 53 4.12 -10.52 -2.08
CA GLY A 53 5.11 -9.53 -1.68
C GLY A 53 4.81 -8.74 -0.44
N SER A 54 4.04 -9.31 0.50
CA SER A 54 3.71 -8.60 1.74
C SER A 54 4.96 -8.40 2.60
N THR A 55 5.26 -7.13 2.85
CA THR A 55 6.54 -6.68 3.38
C THR A 55 6.29 -5.66 4.49
N VAL A 56 7.08 -5.72 5.56
CA VAL A 56 7.06 -4.72 6.61
C VAL A 56 8.34 -3.91 6.62
N ALA A 57 8.21 -2.66 7.07
CA ALA A 57 9.33 -1.75 7.37
C ALA A 57 9.45 -1.60 8.87
N VAL A 58 10.70 -1.74 9.36
CA VAL A 58 11.00 -1.75 10.78
C VAL A 58 12.00 -0.63 11.13
N HIS A 59 11.75 0.05 12.24
CA HIS A 59 12.69 1.06 12.78
C HIS A 59 12.72 0.90 14.28
N ASP A 60 13.92 0.81 14.84
CA ASP A 60 14.08 0.73 16.30
C ASP A 60 13.18 -0.34 16.91
N GLY A 61 13.14 -1.51 16.25
CA GLY A 61 12.36 -2.65 16.72
C GLY A 61 10.86 -2.56 16.56
N GLN A 62 10.36 -1.55 15.87
CA GLN A 62 8.92 -1.36 15.69
C GLN A 62 8.56 -1.55 14.24
N VAL A 63 7.50 -2.31 13.98
CA VAL A 63 6.91 -2.39 12.64
C VAL A 63 6.13 -1.10 12.40
N LEU A 64 6.58 -0.32 11.41
CA LEU A 64 5.97 0.99 11.15
C LEU A 64 5.21 1.06 9.83
N GLY A 65 5.47 0.14 8.91
CA GLY A 65 4.88 0.18 7.59
C GLY A 65 4.63 -1.20 7.03
N PHE A 66 3.67 -1.28 6.10
CA PHE A 66 3.30 -2.53 5.44
C PHE A 66 2.87 -2.21 4.01
N ALA A 67 3.20 -3.08 3.07
CA ALA A 67 2.70 -3.00 1.70
C ALA A 67 2.75 -4.37 1.07
N ASN A 68 2.04 -4.53 -0.03
CA ASN A 68 2.10 -5.73 -0.87
C ASN A 68 1.79 -5.36 -2.31
N PHE A 69 1.72 -6.36 -3.17
CA PHE A 69 1.23 -6.18 -4.53
C PHE A 69 -0.21 -6.55 -4.63
N TYR A 70 -1.01 -5.56 -5.05
CA TYR A 70 -2.39 -5.77 -5.42
C TYR A 70 -2.53 -6.58 -6.73
N GLN A 71 -1.63 -6.33 -7.69
CA GLN A 71 -1.57 -7.08 -8.95
C GLN A 71 -0.11 -7.29 -9.31
N TRP A 72 0.13 -8.36 -10.06
CA TRP A 72 1.49 -8.69 -10.50
C TRP A 72 1.35 -9.41 -11.83
N GLN A 73 2.14 -9.01 -12.82
CA GLN A 73 2.10 -9.54 -14.17
C GLN A 73 3.52 -9.59 -14.70
N HIS A 74 4.08 -10.80 -14.74
CA HIS A 74 5.49 -10.99 -15.09
C HIS A 74 5.83 -10.37 -16.43
N GLY A 75 6.93 -9.62 -16.44
CA GLY A 75 7.40 -8.95 -17.64
C GLY A 75 6.67 -7.65 -17.95
N ASP A 76 5.73 -7.25 -17.09
CA ASP A 76 4.79 -6.22 -17.48
C ASP A 76 4.72 -5.16 -16.38
N PHE A 77 3.98 -5.42 -15.31
CA PHE A 77 3.80 -4.44 -14.26
C PHE A 77 3.47 -5.11 -12.94
N CYS A 78 3.66 -4.38 -11.86
CA CYS A 78 2.96 -4.67 -10.59
C CYS A 78 2.16 -3.45 -10.18
N ALA A 79 1.16 -3.69 -9.33
CA ALA A 79 0.37 -2.60 -8.73
C ALA A 79 0.54 -2.65 -7.22
N LEU A 80 0.84 -1.52 -6.59
CA LEU A 80 1.01 -1.44 -5.15
C LEU A 80 -0.31 -1.65 -4.44
N GLY A 81 -0.25 -2.41 -3.36
CA GLY A 81 -1.42 -2.67 -2.53
C GLY A 81 -1.23 -2.43 -1.03
N ASN A 82 -2.33 -2.14 -0.34
CA ASN A 82 -2.38 -2.15 1.12
C ASN A 82 -1.27 -1.34 1.81
N MET A 83 -0.92 -0.19 1.24
CA MET A 83 0.14 0.66 1.75
C MET A 83 -0.35 1.33 3.03
N MET A 84 0.25 1.01 4.17
CA MET A 84 -0.17 1.60 5.41
C MET A 84 0.97 1.77 6.38
N VAL A 85 0.89 2.88 7.11
CA VAL A 85 1.92 3.31 8.05
C VAL A 85 1.31 3.64 9.40
N ALA A 86 2.02 3.27 10.46
CA ALA A 86 1.61 3.57 11.83
C ALA A 86 1.38 5.10 11.95
N PRO A 87 0.26 5.55 12.54
CA PRO A 87 -0.02 7.01 12.53
C PRO A 87 1.07 7.90 13.14
N ALA A 88 1.67 7.41 14.22
CA ALA A 88 2.72 8.21 14.90
C ALA A 88 3.99 8.32 14.07
N ALA A 89 4.14 7.46 13.08
CA ALA A 89 5.32 7.42 12.25
C ALA A 89 5.13 8.00 10.87
N ARG A 90 3.99 8.61 10.61
CA ARG A 90 3.77 9.22 9.27
C ARG A 90 4.57 10.50 9.04
N GLY A 91 4.86 10.77 7.77
CA GLY A 91 5.65 11.92 7.39
C GLY A 91 7.14 11.77 7.52
N LEU A 92 7.62 10.60 7.94
CA LEU A 92 9.01 10.36 8.27
C LEU A 92 9.78 9.56 7.24
N GLY A 93 9.16 9.26 6.10
CA GLY A 93 9.83 8.53 5.05
C GLY A 93 9.57 7.02 5.04
N VAL A 94 8.66 6.53 5.90
CA VAL A 94 8.41 5.07 5.92
C VAL A 94 7.81 4.59 4.60
N ALA A 95 6.76 5.26 4.12
CA ALA A 95 6.17 4.83 2.84
C ALA A 95 7.13 5.05 1.69
N ARG A 96 7.85 6.18 1.69
CA ARG A 96 8.86 6.41 0.65
C ARG A 96 9.84 5.23 0.58
N TYR A 97 10.33 4.85 1.76
CA TYR A 97 11.26 3.72 1.87
C TYR A 97 10.62 2.44 1.34
N LEU A 98 9.43 2.11 1.84
CA LEU A 98 8.82 0.84 1.48
C LEU A 98 8.44 0.79 -0.01
N ILE A 99 8.01 1.91 -0.57
CA ILE A 99 7.72 1.92 -2.00
C ILE A 99 8.97 1.67 -2.82
N GLY A 100 10.09 2.25 -2.41
CA GLY A 100 11.37 1.91 -3.04
C GLY A 100 11.68 0.41 -3.01
N VAL A 101 11.44 -0.20 -1.85
CA VAL A 101 11.62 -1.64 -1.69
C VAL A 101 10.71 -2.43 -2.65
N MET A 102 9.44 -2.01 -2.72
CA MET A 102 8.48 -2.70 -3.56
C MET A 102 8.79 -2.52 -5.05
N GLU A 103 9.29 -1.35 -5.43
CA GLU A 103 9.75 -1.11 -6.79
C GLU A 103 10.88 -2.06 -7.17
N ASN A 104 11.84 -2.21 -6.26
CA ASN A 104 12.92 -3.15 -6.48
C ASN A 104 12.42 -4.57 -6.59
N LEU A 105 11.47 -4.95 -5.72
CA LEU A 105 10.90 -6.28 -5.77
C LEU A 105 10.18 -6.53 -7.09
N ALA A 106 9.42 -5.53 -7.55
CA ALA A 106 8.73 -5.67 -8.81
C ALA A 106 9.72 -5.92 -9.99
N ARG A 107 10.78 -5.13 -9.99
CA ARG A 107 11.83 -5.25 -11.02
C ARG A 107 12.47 -6.64 -10.98
N GLU A 108 12.91 -7.06 -9.81
N GLU A 108 12.82 -7.07 -9.78
CA GLU A 108 13.64 -8.34 -9.62
CA GLU A 108 13.64 -8.27 -9.58
C GLU A 108 12.86 -9.63 -9.69
C GLU A 108 12.88 -9.61 -9.68
N GLN A 109 11.72 -9.65 -9.00
CA GLN A 109 10.84 -10.86 -8.95
C GLN A 109 9.88 -10.99 -10.15
N TYR A 110 9.40 -9.87 -10.68
CA TYR A 110 8.40 -9.88 -11.76
C TYR A 110 8.89 -9.30 -13.08
N LYS A 111 10.14 -8.83 -13.14
CA LYS A 111 10.67 -8.20 -14.36
C LYS A 111 9.72 -7.10 -14.84
N ALA A 112 9.13 -6.40 -13.87
CA ALA A 112 8.17 -5.38 -14.19
C ALA A 112 8.86 -4.17 -14.83
N ARG A 113 8.20 -3.60 -15.83
CA ARG A 113 8.63 -2.34 -16.46
C ARG A 113 7.94 -1.13 -15.91
N LEU A 114 6.86 -1.34 -15.18
CA LEU A 114 5.97 -0.28 -14.75
C LEU A 114 5.44 -0.66 -13.36
N MET A 115 5.31 0.34 -12.50
CA MET A 115 4.53 0.19 -11.26
C MET A 115 3.29 1.06 -11.39
N LYS A 116 2.14 0.46 -11.09
CA LYS A 116 0.86 1.14 -10.98
C LYS A 116 0.52 1.41 -9.52
N ILE A 117 -0.03 2.60 -9.25
CA ILE A 117 -0.57 2.92 -7.93
C ILE A 117 -1.88 3.64 -8.18
N SER A 118 -2.96 3.17 -7.55
CA SER A 118 -4.22 3.88 -7.58
C SER A 118 -4.45 4.55 -6.22
N CYS A 119 -5.00 5.75 -6.24
CA CYS A 119 -5.17 6.52 -5.01
C CYS A 119 -6.50 7.24 -5.04
N PHE A 120 -7.27 7.11 -3.97
CA PHE A 120 -8.56 7.81 -3.91
C PHE A 120 -8.36 9.32 -3.78
N ASN A 121 -9.30 10.07 -4.36
CA ASN A 121 -9.14 11.50 -4.47
C ASN A 121 -8.99 12.21 -3.14
N ALA A 122 -9.65 11.75 -2.08
CA ALA A 122 -9.60 12.43 -0.81
C ALA A 122 -8.26 12.31 -0.13
N ASN A 123 -7.45 11.34 -0.59
CA ASN A 123 -6.19 11.03 0.05
C ASN A 123 -5.06 11.91 -0.48
N ALA A 124 -5.08 13.17 -0.07
CA ALA A 124 -4.04 14.12 -0.52
C ALA A 124 -2.63 13.67 -0.16
N ALA A 125 -2.49 13.11 1.04
CA ALA A 125 -1.17 12.65 1.50
C ALA A 125 -0.60 11.65 0.51
N GLY A 126 -1.43 10.69 0.11
CA GLY A 126 -1.00 9.70 -0.89
C GLY A 126 -0.67 10.32 -2.25
N LEU A 127 -1.58 11.15 -2.75
CA LEU A 127 -1.34 11.76 -4.06
C LEU A 127 -0.03 12.55 -4.11
N LEU A 128 0.21 13.31 -3.04
CA LEU A 128 1.44 14.09 -2.97
C LEU A 128 2.69 13.22 -2.87
N LEU A 129 2.64 12.18 -2.04
CA LEU A 129 3.80 11.30 -1.95
C LEU A 129 4.08 10.65 -3.30
N TYR A 130 3.05 10.09 -3.94
CA TYR A 130 3.31 9.37 -5.19
C TYR A 130 3.85 10.31 -6.23
N THR A 131 3.36 11.56 -6.24
CA THR A 131 3.89 12.57 -7.12
C THR A 131 5.38 12.82 -6.85
N GLN A 132 5.74 12.94 -5.57
CA GLN A 132 7.16 13.09 -5.21
C GLN A 132 8.05 11.92 -5.64
N LEU A 133 7.47 10.71 -5.68
CA LEU A 133 8.19 9.52 -6.11
C LEU A 133 8.22 9.31 -7.62
N GLY A 134 7.62 10.24 -8.38
CA GLY A 134 7.75 10.18 -9.83
C GLY A 134 6.58 9.54 -10.56
N TYR A 135 5.51 9.24 -9.83
CA TYR A 135 4.30 8.68 -10.43
C TYR A 135 3.52 9.80 -11.09
N GLN A 136 2.92 9.47 -12.24
CA GLN A 136 2.12 10.45 -12.99
C GLN A 136 0.69 9.94 -13.11
N PRO A 137 -0.29 10.86 -13.08
CA PRO A 137 -1.67 10.40 -13.21
C PRO A 137 -1.98 10.03 -14.66
N ARG A 138 -2.74 8.96 -14.83
CA ARG A 138 -3.09 8.47 -16.15
C ARG A 138 -4.58 8.50 -16.42
N ALA A 139 -5.39 8.13 -15.44
CA ALA A 139 -6.84 8.04 -15.63
C ALA A 139 -7.53 8.21 -14.29
N ILE A 140 -8.82 8.48 -14.38
CA ILE A 140 -9.69 8.60 -13.23
C ILE A 140 -10.91 7.71 -13.44
N ALA A 141 -11.24 6.91 -12.43
CA ALA A 141 -12.39 6.02 -12.45
C ALA A 141 -13.33 6.37 -11.32
N GLU A 142 -14.64 6.25 -11.55
CA GLU A 142 -15.59 6.41 -10.46
C GLU A 142 -15.65 5.16 -9.60
N ARG A 143 -15.71 5.37 -8.31
CA ARG A 143 -15.93 4.32 -7.33
C ARG A 143 -16.93 4.83 -6.31
N HIS A 144 -17.35 3.94 -5.43
CA HIS A 144 -18.25 4.29 -4.35
C HIS A 144 -17.63 3.98 -3.00
N ASP A 145 -17.78 4.90 -2.07
CA ASP A 145 -17.29 4.70 -0.72
C ASP A 145 -18.30 3.94 0.13
N PRO A 146 -17.95 3.66 1.42
CA PRO A 146 -18.86 2.83 2.19
C PRO A 146 -20.24 3.42 2.47
N ASP A 147 -20.37 4.73 2.33
CA ASP A 147 -21.64 5.42 2.47
C ASP A 147 -22.41 5.52 1.14
N GLY A 148 -21.90 4.88 0.10
CA GLY A 148 -22.49 4.97 -1.23
C GLY A 148 -22.23 6.27 -1.93
N ARG A 149 -21.30 7.09 -1.43
CA ARG A 149 -20.97 8.36 -2.07
C ARG A 149 -19.93 8.12 -3.15
N ARG A 150 -20.04 8.89 -4.22
CA ARG A 150 -19.20 8.74 -5.39
C ARG A 150 -17.88 9.43 -5.18
N VAL A 151 -16.80 8.67 -5.43
CA VAL A 151 -15.43 9.15 -5.30
C VAL A 151 -14.67 8.88 -6.58
N ALA A 152 -13.50 9.50 -6.70
CA ALA A 152 -12.67 9.40 -7.89
C ALA A 152 -11.40 8.63 -7.54
N LEU A 153 -11.16 7.52 -8.23
CA LEU A 153 -9.94 6.74 -8.06
C LEU A 153 -8.94 7.17 -9.13
N ILE A 154 -7.81 7.71 -8.70
N ILE A 154 -7.83 7.76 -8.68
CA ILE A 154 -6.82 8.23 -9.62
CA ILE A 154 -6.79 8.29 -9.58
C ILE A 154 -5.75 7.17 -9.84
C ILE A 154 -5.76 7.18 -9.84
N GLN A 155 -5.66 6.75 -11.10
CA GLN A 155 -4.74 5.69 -11.49
C GLN A 155 -3.46 6.34 -11.95
N MET A 156 -2.34 6.01 -11.29
CA MET A 156 -1.05 6.59 -11.55
C MET A 156 -0.07 5.49 -11.92
N ASP A 157 1.04 5.85 -12.59
CA ASP A 157 2.08 4.87 -12.87
C ASP A 157 3.44 5.52 -12.98
N LYS A 158 4.46 4.66 -13.07
CA LYS A 158 5.85 5.08 -13.14
C LYS A 158 6.66 4.00 -13.82
N PRO A 159 7.54 4.36 -14.79
CA PRO A 159 8.42 3.32 -15.36
C PRO A 159 9.44 2.85 -14.32
N LEU A 160 9.81 1.59 -14.38
CA LEU A 160 10.80 1.03 -13.42
C LEU A 160 12.25 0.91 -13.87
N GLU A 161 12.41 0.28 -15.03
CA GLU A 161 13.73 -0.02 -15.68
C GLU A 161 14.49 -1.23 -15.07
N PRO A 162 15.47 -1.81 -15.82
CA PRO A 162 16.21 -2.92 -15.22
C PRO A 162 17.15 -2.51 -14.09
S SO4 B . 15.99 -3.46 -1.47
O1 SO4 B . 15.35 -4.79 -1.54
O2 SO4 B . 17.22 -3.43 -2.28
O3 SO4 B . 15.02 -2.48 -1.97
O4 SO4 B . 16.35 -3.15 -0.06
S SO4 C . 5.13 -14.20 -2.13
O1 SO4 C . 5.03 -15.20 -3.21
O2 SO4 C . 5.60 -12.89 -2.63
O3 SO4 C . 3.80 -13.91 -1.51
O4 SO4 C . 6.06 -14.70 -1.11
S SO4 D . -17.83 0.73 -7.09
O1 SO4 D . -17.25 -0.30 -7.97
O2 SO4 D . -18.29 1.91 -7.89
O3 SO4 D . -19.02 0.24 -6.36
O4 SO4 D . -16.84 1.15 -6.07
S SO4 E . 4.29 11.15 -20.63
O1 SO4 E . 4.65 9.74 -20.34
O2 SO4 E . 4.88 11.55 -21.93
O3 SO4 E . 2.81 11.32 -20.71
O4 SO4 E . 4.83 12.03 -19.57
S SO4 F . -21.85 11.06 7.13
O1 SO4 F . -20.45 11.41 6.84
O2 SO4 F . -22.17 9.78 6.47
O3 SO4 F . -22.74 12.12 6.62
O4 SO4 F . -22.06 10.92 8.59
S SO4 G . 2.64 -16.04 -9.50
O1 SO4 G . 2.97 -17.47 -9.35
O2 SO4 G . 3.42 -15.48 -10.63
O3 SO4 G . 1.19 -15.89 -9.75
O4 SO4 G . 3.04 -15.31 -8.27
C1 93P H . -14.09 0.44 -4.74
C3 93P H . -12.49 -1.36 -4.99
C4 93P H . -11.27 -1.96 -5.65
C5 93P H . -10.17 -0.97 -6.01
C6 93P H . -7.86 -0.69 -6.71
C7 93P H . -6.59 -0.67 -5.88
C9 93P H . -5.48 0.15 -3.11
C10 93P H . -4.10 0.69 -2.89
C15 93P H . -5.54 -2.30 -2.73
C16 93P H . -13.17 -2.04 -3.99
C17 93P H . -14.28 -1.50 -3.38
CAP 93P H . 0.18 7.25 5.21
OAP 93P H . -0.26 8.58 5.45
CBP 93P H . 0.67 7.13 3.75
CDP 93P H . 0.90 5.65 3.40
CEP 93P H . -0.37 7.73 2.78
P1A 93P H . 6.37 9.41 3.78
P2A 93P H . 4.12 8.11 5.03
P3B 93P H . 8.45 14.75 0.84
S1P 93P H . -2.98 4.46 -1.58
C2P 93P H . -3.19 4.00 0.16
C3P 93P H . -2.31 4.85 1.07
N4P 93P H . -2.56 4.50 2.46
C5P 93P H . -3.35 5.20 3.27
O5P 93P H . -3.98 6.19 2.89
C6P 93P H . -3.45 4.72 4.69
C7P 93P H . -3.33 5.86 5.68
N8P 93P H . -2.17 6.69 5.40
C9P 93P H . -0.92 6.27 5.58
O9P 93P H . -0.66 5.14 5.97
C1B 93P H . 4.23 14.60 1.91
N1A 93P H . 1.25 14.00 6.12
O1A 93P H . 6.67 10.02 5.09
C2A 93P H . 2.47 13.48 5.81
C2B 93P H . 5.50 14.66 2.78
O2A 93P H . 7.28 8.37 3.24
O2B 93P H . 6.04 15.98 2.78
C3B 93P H . 6.36 13.60 2.09
N3A 93P H . 3.18 13.70 4.69
O3A 93P H . 4.88 8.83 3.84
O3B 93P H . 6.96 14.17 0.92
C4A 93P H . 2.55 14.54 3.82
C4B 93P H . 5.33 12.54 1.69
O4A 93P H . 3.59 9.11 5.97
O4B 93P H . 4.10 13.27 1.48
C5A 93P H . 1.31 15.12 3.99
C5B 93P H . 5.11 11.45 2.72
O5A 93P H . 5.08 7.15 5.68
O5B 93P H . 6.24 10.55 2.68
C6A 93P H . 0.64 14.82 5.22
N6A 93P H . -0.54 15.34 5.55
O6A 93P H . 2.98 7.25 4.35
N7A 93P H . 0.99 15.93 2.91
O7A 93P H . 9.36 13.53 1.02
C8A 93P H . 2.02 15.81 2.12
O8A 93P H . 8.53 15.70 2.00
N9A 93P H . 3.01 14.98 2.60
O9A 93P H . 8.62 15.39 -0.51
CCP 93P H . 1.99 7.88 3.54
N 93P H . -8.96 -1.49 -6.20
C 93P H . -14.74 -0.26 -3.76
O 93P H . -10.41 0.22 -6.14
N1 93P H . -6.63 -1.29 -4.70
O1 93P H . -5.58 -0.08 -6.29
C2 93P H . -12.98 -0.10 -5.36
O3 93P H . -4.54 -2.60 -2.12
O4 93P H . -6.70 -2.84 -2.57
C8 93P H . -5.50 -1.21 -3.79
C11 93P H . -4.15 2.13 -2.44
C12 93P H . -2.83 2.83 -2.37
#